data_3OVQ
#
_entry.id   3OVQ
#
_cell.length_a   61.785
_cell.length_b   43.535
_cell.length_c   72.269
_cell.angle_alpha   90.00
_cell.angle_beta   94.88
_cell.angle_gamma   90.00
#
_symmetry.space_group_name_H-M   'P 1 21 1'
#
loop_
_entity.id
_entity.type
_entity.pdbx_description
1 polymer 'Ribulose-phosphate 3-epimerase'
2 non-polymer 'FE (II) ION'
3 non-polymer RIBULOSE-5-PHOSPHATE
4 non-polymer 3,6,9,12,15,18,21,24,27-NONAOXANONACOSANE-1,29-DIOL
5 water water
#
_entity_poly.entity_id   1
_entity_poly.type   'polypeptide(L)'
_entity_poly.pdbx_seq_one_letter_code
;MASGCKIGPSILNSDLANLGAECLRMLDSGADYLHLDVMDGHFVPNITFGHPVVESLRKQLGQDPFFDMHMMVSKPEQWV
KPMAVAGANQYTFHLEATENPGALIKDIRENGMKVGLAIKPGTSVEYLAPWANQIDMALVMTVEPGFGGQKFMEDMMPKV
HWLRTQFPSLDIEVDGGVGPDTVHKCAEAGANMIVSGSAIMRSEDPRSVINLLRNVCSEAAQKRSLDR
;
_entity_poly.pdbx_strand_id   A,B
#
# COMPACT_ATOMS: atom_id res chain seq x y z
N GLY A 4 6.11 1.55 31.84
CA GLY A 4 5.02 1.05 31.03
C GLY A 4 4.85 1.81 29.72
N CYS A 5 5.79 2.69 29.42
CA CYS A 5 5.74 3.48 28.19
CA CYS A 5 5.74 3.49 28.19
C CYS A 5 6.46 2.78 27.05
N LYS A 6 5.82 2.75 25.89
CA LYS A 6 6.43 2.11 24.74
C LYS A 6 6.48 3.03 23.52
N ILE A 7 7.57 2.95 22.78
CA ILE A 7 7.77 3.77 21.59
C ILE A 7 7.61 2.91 20.35
N GLY A 8 6.74 3.35 19.45
CA GLY A 8 6.44 2.62 18.24
C GLY A 8 6.61 3.52 17.04
N PRO A 9 7.75 3.41 16.38
CA PRO A 9 7.98 4.25 15.21
C PRO A 9 6.99 3.95 14.11
N SER A 10 6.59 5.00 13.42
CA SER A 10 5.80 4.87 12.22
C SER A 10 6.71 4.93 10.98
N ILE A 11 6.49 4.04 10.03
CA ILE A 11 7.35 3.98 8.85
C ILE A 11 6.76 4.64 7.60
N LEU A 12 5.71 5.43 7.82
CA LEU A 12 4.99 6.08 6.72
C LEU A 12 5.89 6.91 5.80
N ASN A 13 6.83 7.63 6.38
CA ASN A 13 7.73 8.47 5.59
C ASN A 13 9.13 7.85 5.45
N SER A 14 9.22 6.54 5.63
CA SER A 14 10.48 5.84 5.43
C SER A 14 10.69 5.51 3.95
N ASP A 15 11.78 4.82 3.63
CA ASP A 15 12.02 4.33 2.28
C ASP A 15 11.14 3.11 2.06
N LEU A 16 9.97 3.31 1.48
CA LEU A 16 8.99 2.24 1.35
C LEU A 16 9.41 1.18 0.35
N ALA A 17 10.43 1.49 -0.46
CA ALA A 17 10.96 0.51 -1.39
C ALA A 17 11.88 -0.46 -0.65
N ASN A 18 12.28 -0.09 0.57
CA ASN A 18 13.14 -0.92 1.40
C ASN A 18 12.56 -1.06 2.80
N LEU A 19 11.32 -1.52 2.87
CA LEU A 19 10.57 -1.50 4.11
C LEU A 19 11.11 -2.47 5.17
N GLY A 20 11.50 -3.67 4.75
CA GLY A 20 12.12 -4.61 5.66
C GLY A 20 13.33 -4.01 6.37
N ALA A 21 14.22 -3.41 5.58
CA ALA A 21 15.40 -2.72 6.12
C ALA A 21 15.04 -1.61 7.10
N GLU A 22 14.05 -0.80 6.77
CA GLU A 22 13.64 0.31 7.64
C GLU A 22 13.11 -0.22 8.98
N CYS A 23 12.31 -1.28 8.92
CA CYS A 23 11.76 -1.89 10.11
C CYS A 23 12.85 -2.55 10.97
N LEU A 24 13.73 -3.32 10.33
CA LEU A 24 14.84 -3.93 11.04
C LEU A 24 15.67 -2.91 11.81
N ARG A 25 15.95 -1.78 11.19
N ARG A 25 15.93 -1.79 11.14
CA ARG A 25 16.77 -0.79 11.88
CA ARG A 25 16.69 -0.69 11.73
C ARG A 25 16.03 -0.05 13.00
C ARG A 25 16.01 -0.17 12.99
N MET A 26 14.71 0.08 12.88
CA MET A 26 13.93 0.64 13.98
C MET A 26 14.01 -0.29 15.19
N LEU A 27 13.82 -1.59 14.94
CA LEU A 27 13.91 -2.61 16.00
C LEU A 27 15.28 -2.67 16.66
N ASP A 28 16.32 -2.64 15.83
CA ASP A 28 17.69 -2.70 16.34
C ASP A 28 18.01 -1.42 17.11
N SER A 29 17.25 -0.37 16.84
CA SER A 29 17.43 0.92 17.49
C SER A 29 16.68 1.00 18.81
N GLY A 30 15.93 -0.05 19.14
CA GLY A 30 15.24 -0.13 20.41
C GLY A 30 13.75 0.10 20.38
N ALA A 31 13.15 0.17 19.20
CA ALA A 31 11.69 0.33 19.13
C ALA A 31 11.02 -0.77 19.94
N ASP A 32 9.99 -0.39 20.69
CA ASP A 32 9.21 -1.36 21.45
C ASP A 32 8.28 -2.13 20.53
N TYR A 33 7.78 -1.46 19.49
CA TYR A 33 6.91 -2.09 18.51
C TYR A 33 6.97 -1.32 17.20
N LEU A 34 6.29 -1.84 16.19
CA LEU A 34 6.19 -1.16 14.91
C LEU A 34 4.75 -0.77 14.68
N HIS A 35 4.55 0.49 14.35
CA HIS A 35 3.22 1.02 14.07
C HIS A 35 3.11 1.11 12.56
N LEU A 36 2.30 0.25 11.97
CA LEU A 36 2.21 0.15 10.52
C LEU A 36 0.91 0.78 9.99
N ASP A 37 1.06 1.86 9.23
CA ASP A 37 -0.09 2.60 8.71
C ASP A 37 -0.68 1.99 7.44
N VAL A 38 -1.92 1.53 7.55
CA VAL A 38 -2.62 0.92 6.43
C VAL A 38 -3.71 1.90 5.96
N MET A 39 -3.59 2.37 4.71
CA MET A 39 -4.54 3.36 4.20
C MET A 39 -5.11 2.87 2.88
N ASP A 40 -6.43 2.92 2.75
CA ASP A 40 -7.09 2.35 1.56
C ASP A 40 -7.53 3.39 0.52
N GLY A 41 -7.10 4.64 0.69
CA GLY A 41 -7.48 5.70 -0.24
C GLY A 41 -8.94 6.13 -0.19
N HIS A 42 -9.70 5.56 0.74
CA HIS A 42 -11.12 5.90 0.91
C HIS A 42 -11.38 6.51 2.28
N PHE A 43 -11.02 5.82 3.34
CA PHE A 43 -11.19 6.38 4.66
C PHE A 43 -10.33 7.62 4.81
N VAL A 44 -9.13 7.58 4.24
CA VAL A 44 -8.25 8.74 4.15
C VAL A 44 -7.78 8.91 2.71
N PRO A 45 -7.35 10.12 2.35
CA PRO A 45 -6.97 10.36 0.95
C PRO A 45 -5.53 9.97 0.61
N ASN A 46 -5.16 8.73 0.86
CA ASN A 46 -3.81 8.24 0.59
C ASN A 46 -3.87 6.73 0.61
N ILE A 47 -2.94 6.08 -0.08
CA ILE A 47 -2.86 4.61 -0.07
C ILE A 47 -1.44 4.21 0.33
N THR A 48 -1.31 3.35 1.34
CA THR A 48 0.01 2.93 1.77
C THR A 48 0.26 1.48 1.35
N PHE A 49 -0.27 0.55 2.13
CA PHE A 49 -0.13 -0.88 1.87
C PHE A 49 -1.11 -1.66 2.74
N GLY A 50 -1.24 -2.96 2.49
CA GLY A 50 -2.19 -3.77 3.23
C GLY A 50 -1.60 -5.07 3.74
N HIS A 51 -2.44 -6.08 3.92
CA HIS A 51 -1.95 -7.32 4.51
C HIS A 51 -0.83 -8.02 3.71
N PRO A 52 -0.85 -7.92 2.36
CA PRO A 52 0.24 -8.60 1.65
C PRO A 52 1.63 -8.09 2.06
N VAL A 53 1.76 -6.79 2.25
CA VAL A 53 3.03 -6.23 2.75
C VAL A 53 3.31 -6.70 4.18
N VAL A 54 2.27 -6.73 5.01
CA VAL A 54 2.45 -7.19 6.39
C VAL A 54 2.99 -8.62 6.41
N GLU A 55 2.45 -9.45 5.53
CA GLU A 55 2.87 -10.84 5.42
C GLU A 55 4.36 -10.94 5.07
N SER A 56 4.79 -10.16 4.08
CA SER A 56 6.20 -10.17 3.70
CA SER A 56 6.19 -10.15 3.69
C SER A 56 7.08 -9.66 4.84
N LEU A 57 6.60 -8.65 5.55
CA LEU A 57 7.38 -8.10 6.66
C LEU A 57 7.53 -9.12 7.78
N ARG A 58 6.43 -9.78 8.11
CA ARG A 58 6.45 -10.77 9.17
C ARG A 58 7.41 -11.90 8.81
N LYS A 59 7.50 -12.21 7.52
CA LYS A 59 8.42 -13.24 7.04
C LYS A 59 9.87 -12.78 7.17
N GLN A 60 10.12 -11.49 6.94
CA GLN A 60 11.47 -10.97 7.04
C GLN A 60 11.92 -10.74 8.48
N LEU A 61 11.00 -10.32 9.35
CA LEU A 61 11.37 -9.95 10.72
C LEU A 61 11.26 -11.08 11.73
N GLY A 62 10.61 -12.18 11.35
CA GLY A 62 10.35 -13.25 12.31
C GLY A 62 9.13 -12.98 13.17
N GLN A 63 8.87 -13.89 14.11
N GLN A 63 8.83 -13.90 14.09
CA GLN A 63 7.66 -13.85 14.94
CA GLN A 63 7.58 -13.82 14.84
C GLN A 63 7.69 -12.85 16.09
C GLN A 63 7.67 -13.06 16.15
N ASP A 64 8.87 -12.52 16.57
N ASP A 64 8.83 -12.48 16.44
CA ASP A 64 9.04 -11.71 17.78
CA ASP A 64 9.04 -11.74 17.69
C ASP A 64 8.45 -10.28 17.75
C ASP A 64 8.45 -10.33 17.72
N PRO A 65 8.74 -9.52 16.68
CA PRO A 65 8.28 -8.11 16.67
C PRO A 65 6.75 -7.92 16.76
N PHE A 66 6.32 -6.92 17.52
CA PHE A 66 4.91 -6.58 17.69
C PHE A 66 4.48 -5.58 16.63
N PHE A 67 3.48 -5.95 15.82
CA PHE A 67 2.92 -5.04 14.81
C PHE A 67 1.62 -4.43 15.31
N ASP A 68 1.61 -3.10 15.45
CA ASP A 68 0.39 -2.36 15.72
C ASP A 68 -0.16 -1.86 14.38
N MET A 69 -1.27 -2.43 13.93
CA MET A 69 -1.83 -2.05 12.64
C MET A 69 -2.80 -0.88 12.78
N HIS A 70 -2.40 0.28 12.27
CA HIS A 70 -3.28 1.43 12.19
C HIS A 70 -4.15 1.37 10.93
N MET A 71 -5.36 0.84 11.10
CA MET A 71 -6.26 0.56 9.99
C MET A 71 -7.09 1.77 9.58
N MET A 72 -6.50 2.61 8.75
CA MET A 72 -7.20 3.75 8.19
C MET A 72 -7.92 3.31 6.91
N VAL A 73 -8.94 2.48 7.11
CA VAL A 73 -9.66 1.85 6.00
C VAL A 73 -11.14 2.01 6.26
N SER A 74 -11.95 2.05 5.21
CA SER A 74 -13.36 2.34 5.41
C SER A 74 -14.21 1.12 5.76
N LYS A 75 -13.65 -0.06 5.52
N LYS A 75 -13.66 -0.07 5.52
CA LYS A 75 -14.35 -1.30 5.87
CA LYS A 75 -14.35 -1.30 5.87
C LYS A 75 -13.45 -2.20 6.72
N PRO A 76 -13.19 -1.79 7.97
CA PRO A 76 -12.25 -2.55 8.82
C PRO A 76 -12.67 -4.00 9.02
N GLU A 77 -13.96 -4.27 8.97
CA GLU A 77 -14.45 -5.64 9.08
C GLU A 77 -13.77 -6.54 8.07
N GLN A 78 -13.52 -6.01 6.87
CA GLN A 78 -13.02 -6.85 5.76
C GLN A 78 -11.60 -7.39 5.96
N TRP A 79 -10.76 -6.67 6.71
CA TRP A 79 -9.33 -6.98 6.75
C TRP A 79 -8.87 -7.67 8.04
N VAL A 80 -9.80 -7.97 8.94
CA VAL A 80 -9.45 -8.60 10.22
C VAL A 80 -8.74 -9.94 10.04
N LYS A 81 -9.40 -10.86 9.34
CA LYS A 81 -8.84 -12.19 9.10
C LYS A 81 -7.55 -12.11 8.27
N PRO A 82 -7.58 -11.36 7.15
CA PRO A 82 -6.35 -11.22 6.36
C PRO A 82 -5.17 -10.71 7.18
N MET A 83 -5.40 -9.70 8.00
CA MET A 83 -4.35 -9.19 8.88
C MET A 83 -3.89 -10.20 9.95
N ALA A 84 -4.84 -10.93 10.52
CA ALA A 84 -4.51 -11.96 11.50
C ALA A 84 -3.64 -13.04 10.86
N VAL A 85 -4.04 -13.47 9.67
CA VAL A 85 -3.31 -14.49 8.94
C VAL A 85 -1.91 -13.98 8.56
N ALA A 86 -1.80 -12.69 8.28
CA ALA A 86 -0.52 -12.08 7.90
C ALA A 86 0.43 -11.98 9.10
N GLY A 87 -0.09 -12.07 10.31
CA GLY A 87 0.75 -12.03 11.50
C GLY A 87 0.75 -10.73 12.29
N ALA A 88 -0.30 -9.93 12.13
CA ALA A 88 -0.44 -8.70 12.93
C ALA A 88 -0.76 -9.05 14.38
N ASN A 89 -0.28 -8.25 15.32
CA ASN A 89 -0.57 -8.47 16.75
C ASN A 89 -1.78 -7.70 17.25
N GLN A 90 -1.93 -6.49 16.74
CA GLN A 90 -2.98 -5.61 17.20
C GLN A 90 -3.64 -4.93 16.01
N TYR A 91 -4.97 -4.87 16.03
CA TYR A 91 -5.74 -4.31 14.95
C TYR A 91 -6.45 -3.05 15.47
N THR A 92 -5.95 -1.88 15.08
CA THR A 92 -6.48 -0.61 15.57
C THR A 92 -7.38 0.00 14.49
N PHE A 93 -8.69 -0.05 14.71
CA PHE A 93 -9.61 0.48 13.71
C PHE A 93 -10.13 1.83 14.14
N HIS A 94 -10.73 2.55 13.20
CA HIS A 94 -11.23 3.87 13.49
C HIS A 94 -12.70 3.82 13.89
N LEU A 95 -13.03 4.54 14.96
CA LEU A 95 -14.41 4.61 15.43
C LEU A 95 -15.31 5.11 14.31
N GLU A 96 -14.78 5.98 13.47
CA GLU A 96 -15.58 6.62 12.43
C GLU A 96 -15.80 5.69 11.24
N ALA A 97 -15.17 4.53 11.25
CA ALA A 97 -15.16 3.66 10.07
C ALA A 97 -16.15 2.51 10.14
N THR A 98 -16.96 2.48 11.20
CA THR A 98 -17.88 1.37 11.37
C THR A 98 -19.16 1.78 12.06
N GLU A 99 -20.24 1.06 11.73
CA GLU A 99 -21.52 1.27 12.37
CA GLU A 99 -21.52 1.27 12.37
C GLU A 99 -21.63 0.48 13.66
N ASN A 100 -20.87 -0.61 13.78
CA ASN A 100 -20.91 -1.42 15.00
C ASN A 100 -19.55 -1.82 15.54
N PRO A 101 -18.96 -0.95 16.38
CA PRO A 101 -17.64 -1.23 16.96
C PRO A 101 -17.69 -2.50 17.80
N GLY A 102 -18.80 -2.74 18.49
CA GLY A 102 -18.93 -3.90 19.36
C GLY A 102 -18.71 -5.22 18.64
N ALA A 103 -19.38 -5.38 17.50
CA ALA A 103 -19.24 -6.61 16.71
C ALA A 103 -17.83 -6.76 16.16
N LEU A 104 -17.22 -5.65 15.77
CA LEU A 104 -15.89 -5.68 15.18
C LEU A 104 -14.87 -6.06 16.25
N ILE A 105 -14.99 -5.46 17.42
CA ILE A 105 -14.12 -5.80 18.56
C ILE A 105 -14.14 -7.30 18.84
N LYS A 106 -15.34 -7.89 18.84
CA LYS A 106 -15.47 -9.33 19.04
C LYS A 106 -14.71 -10.11 17.98
N ASP A 107 -14.87 -9.71 16.72
CA ASP A 107 -14.24 -10.42 15.62
C ASP A 107 -12.70 -10.35 15.69
N ILE A 108 -12.18 -9.21 16.12
CA ILE A 108 -10.75 -9.04 16.24
C ILE A 108 -10.19 -10.01 17.28
N ARG A 109 -10.86 -10.11 18.44
CA ARG A 109 -10.40 -11.03 19.47
C ARG A 109 -10.58 -12.46 19.01
N GLU A 110 -11.67 -12.74 18.32
CA GLU A 110 -11.92 -14.09 17.83
C GLU A 110 -10.77 -14.51 16.92
N ASN A 111 -10.18 -13.54 16.26
CA ASN A 111 -9.04 -13.78 15.37
C ASN A 111 -7.69 -13.63 16.06
N GLY A 112 -7.72 -13.60 17.40
CA GLY A 112 -6.51 -13.69 18.20
C GLY A 112 -5.66 -12.44 18.32
N MET A 113 -6.19 -11.30 17.86
CA MET A 113 -5.41 -10.07 17.90
C MET A 113 -5.84 -9.15 19.04
N LYS A 114 -4.95 -8.27 19.46
CA LYS A 114 -5.33 -7.22 20.40
CA LYS A 114 -5.33 -7.22 20.41
C LYS A 114 -6.16 -6.17 19.67
N VAL A 115 -6.97 -5.42 20.41
CA VAL A 115 -7.89 -4.47 19.82
C VAL A 115 -7.50 -3.03 20.09
N GLY A 116 -7.30 -2.25 19.03
CA GLY A 116 -7.13 -0.81 19.17
C GLY A 116 -8.34 -0.06 18.59
N LEU A 117 -8.61 1.12 19.14
CA LEU A 117 -9.73 1.94 18.68
C LEU A 117 -9.26 3.40 18.61
N ALA A 118 -9.30 3.97 17.42
CA ALA A 118 -8.75 5.30 17.14
C ALA A 118 -9.83 6.33 16.85
N ILE A 119 -9.54 7.58 17.18
CA ILE A 119 -10.45 8.68 16.88
C ILE A 119 -9.68 9.83 16.25
N LYS A 120 -10.25 10.39 15.18
CA LYS A 120 -9.68 11.55 14.51
C LYS A 120 -9.82 12.81 15.37
N PRO A 121 -9.02 13.84 15.06
CA PRO A 121 -9.08 15.09 15.83
C PRO A 121 -10.50 15.64 15.99
N GLY A 122 -11.29 15.62 14.92
CA GLY A 122 -12.65 16.16 15.00
C GLY A 122 -13.64 15.33 15.79
N THR A 123 -13.23 14.14 16.23
CA THR A 123 -14.16 13.25 16.91
C THR A 123 -14.05 13.34 18.42
N SER A 124 -15.14 13.73 19.08
CA SER A 124 -15.15 13.86 20.53
CA SER A 124 -15.16 13.86 20.54
C SER A 124 -14.77 12.56 21.25
N VAL A 125 -13.87 12.67 22.21
CA VAL A 125 -13.41 11.51 22.97
C VAL A 125 -14.59 10.81 23.66
N GLU A 126 -15.66 11.57 23.91
CA GLU A 126 -16.87 11.04 24.53
CA GLU A 126 -16.84 11.02 24.55
C GLU A 126 -17.41 9.83 23.76
N TYR A 127 -17.25 9.84 22.44
CA TYR A 127 -17.78 8.75 21.59
C TYR A 127 -16.96 7.47 21.72
N LEU A 128 -15.73 7.61 22.17
CA LEU A 128 -14.85 6.48 22.40
C LEU A 128 -15.19 5.75 23.70
N ALA A 129 -15.67 6.52 24.68
CA ALA A 129 -15.88 6.05 26.05
C ALA A 129 -16.67 4.75 26.24
N PRO A 130 -17.80 4.60 25.53
CA PRO A 130 -18.63 3.38 25.74
C PRO A 130 -17.87 2.09 25.47
N TRP A 131 -16.79 2.16 24.68
CA TRP A 131 -16.06 0.97 24.26
C TRP A 131 -14.73 0.83 24.97
N ALA A 132 -14.38 1.82 25.78
CA ALA A 132 -13.03 1.86 26.34
C ALA A 132 -12.73 0.65 27.24
N ASN A 133 -13.76 0.10 27.87
CA ASN A 133 -13.59 -1.06 28.74
CA ASN A 133 -13.59 -1.06 28.74
C ASN A 133 -13.48 -2.37 27.96
N GLN A 134 -13.68 -2.31 26.65
CA GLN A 134 -13.65 -3.51 25.81
CA GLN A 134 -13.65 -3.50 25.80
C GLN A 134 -12.42 -3.57 24.90
N ILE A 135 -11.58 -2.54 24.94
CA ILE A 135 -10.44 -2.48 24.02
C ILE A 135 -9.12 -2.57 24.76
N ASP A 136 -8.05 -2.82 24.04
CA ASP A 136 -6.74 -2.94 24.65
C ASP A 136 -5.99 -1.62 24.61
N MET A 137 -6.33 -0.78 23.63
CA MET A 137 -5.61 0.47 23.45
C MET A 137 -6.48 1.49 22.73
N ALA A 138 -6.55 2.70 23.26
CA ALA A 138 -7.20 3.80 22.56
C ALA A 138 -6.12 4.62 21.84
N LEU A 139 -6.41 5.00 20.60
CA LEU A 139 -5.51 5.83 19.81
C LEU A 139 -6.13 7.21 19.66
N VAL A 140 -5.48 8.22 20.25
CA VAL A 140 -5.91 9.60 20.08
C VAL A 140 -5.04 10.21 18.99
N MET A 141 -5.61 10.46 17.81
CA MET A 141 -4.87 11.09 16.73
CA MET A 141 -4.83 11.07 16.76
C MET A 141 -4.48 12.51 17.10
N THR A 142 -3.24 12.89 16.83
CA THR A 142 -2.80 14.25 17.09
C THR A 142 -2.51 15.01 15.79
N VAL A 143 -2.84 14.38 14.67
CA VAL A 143 -2.93 15.06 13.37
C VAL A 143 -4.12 14.46 12.66
N GLU A 144 -4.58 15.13 11.60
CA GLU A 144 -5.61 14.56 10.73
C GLU A 144 -4.95 13.42 9.98
N PRO A 145 -5.53 12.21 10.06
CA PRO A 145 -4.89 11.03 9.48
C PRO A 145 -4.80 11.07 7.95
N GLY A 146 -3.72 10.49 7.42
CA GLY A 146 -3.55 10.34 6.00
C GLY A 146 -2.14 10.70 5.56
N PHE A 147 -1.48 11.58 6.32
CA PHE A 147 -0.18 12.10 5.93
C PHE A 147 0.77 12.23 7.10
N GLY A 148 2.06 11.98 6.83
CA GLY A 148 3.09 12.20 7.84
C GLY A 148 3.62 13.62 7.81
N GLY A 149 4.43 13.98 8.81
CA GLY A 149 5.09 15.26 8.82
C GLY A 149 4.21 16.47 9.12
N GLN A 150 2.97 16.24 9.52
CA GLN A 150 2.09 17.35 9.89
C GLN A 150 2.39 17.87 11.30
N LYS A 151 1.88 19.06 11.59
CA LYS A 151 2.08 19.69 12.89
CA LYS A 151 2.08 19.69 12.89
C LYS A 151 1.20 19.08 13.98
N PHE A 152 1.84 18.70 15.08
CA PHE A 152 1.17 18.21 16.29
C PHE A 152 0.03 19.12 16.72
N MET A 153 -1.12 18.54 17.02
CA MET A 153 -2.26 19.31 17.53
C MET A 153 -2.35 19.20 19.05
N GLU A 154 -1.80 20.19 19.76
CA GLU A 154 -1.78 20.13 21.22
CA GLU A 154 -1.78 20.20 21.21
C GLU A 154 -3.19 20.20 21.81
N ASP A 155 -4.15 20.69 21.04
CA ASP A 155 -5.54 20.79 21.52
CA ASP A 155 -5.54 20.79 21.51
C ASP A 155 -6.20 19.43 21.74
N MET A 156 -5.50 18.36 21.38
CA MET A 156 -6.01 17.00 21.55
C MET A 156 -5.70 16.46 22.94
N MET A 157 -4.80 17.13 23.66
CA MET A 157 -4.34 16.61 24.94
C MET A 157 -5.47 16.37 25.98
N PRO A 158 -6.48 17.26 26.03
CA PRO A 158 -7.58 16.99 26.99
C PRO A 158 -8.27 15.65 26.71
N LYS A 159 -8.24 15.18 25.47
CA LYS A 159 -8.78 13.86 25.15
C LYS A 159 -7.95 12.78 25.83
N VAL A 160 -6.63 12.91 25.73
CA VAL A 160 -5.72 11.95 26.37
C VAL A 160 -5.90 11.96 27.89
N HIS A 161 -5.89 13.16 28.48
CA HIS A 161 -6.01 13.32 29.91
C HIS A 161 -7.34 12.77 30.44
N TRP A 162 -8.41 13.04 29.72
CA TRP A 162 -9.72 12.58 30.11
C TRP A 162 -9.79 11.05 30.12
N LEU A 163 -9.28 10.42 29.05
CA LEU A 163 -9.24 8.95 28.99
C LEU A 163 -8.40 8.39 30.10
N ARG A 164 -7.27 9.02 30.37
CA ARG A 164 -6.35 8.53 31.37
C ARG A 164 -7.01 8.59 32.75
N THR A 165 -7.82 9.63 32.96
CA THR A 165 -8.53 9.84 34.23
C THR A 165 -9.64 8.82 34.42
N GLN A 166 -10.42 8.60 33.37
CA GLN A 166 -11.58 7.71 33.44
C GLN A 166 -11.23 6.24 33.34
N PHE A 167 -10.15 5.93 32.63
CA PHE A 167 -9.73 4.55 32.40
C PHE A 167 -8.26 4.35 32.74
N PRO A 168 -7.97 4.31 34.05
CA PRO A 168 -6.61 4.29 34.59
C PRO A 168 -5.72 3.20 34.02
N SER A 169 -6.29 2.05 33.67
N SER A 169 -6.30 2.05 33.68
CA SER A 169 -5.50 0.92 33.21
CA SER A 169 -5.52 0.91 33.21
C SER A 169 -5.37 0.89 31.68
C SER A 169 -5.60 0.73 31.69
N LEU A 170 -6.12 1.74 31.00
CA LEU A 170 -6.17 1.71 29.53
C LEU A 170 -4.84 2.17 28.95
N ASP A 171 -4.30 1.40 28.01
CA ASP A 171 -3.16 1.87 27.23
C ASP A 171 -3.64 2.97 26.27
N ILE A 172 -2.96 4.12 26.28
CA ILE A 172 -3.37 5.24 25.43
C ILE A 172 -2.25 5.68 24.49
N GLU A 173 -2.53 5.58 23.19
CA GLU A 173 -1.54 5.92 22.16
C GLU A 173 -1.83 7.30 21.57
N VAL A 174 -0.77 8.04 21.28
CA VAL A 174 -0.88 9.28 20.49
C VAL A 174 -0.13 9.07 19.18
N ASP A 175 -0.58 9.74 18.13
CA ASP A 175 -0.07 9.52 16.80
C ASP A 175 -0.26 10.76 15.95
N GLY A 176 0.85 11.37 15.55
CA GLY A 176 0.82 12.52 14.66
C GLY A 176 1.66 13.68 15.19
N GLY A 177 2.76 13.97 14.50
CA GLY A 177 3.65 15.06 14.87
C GLY A 177 4.29 14.94 16.26
N VAL A 178 4.40 13.73 16.78
CA VAL A 178 5.05 13.54 18.08
C VAL A 178 6.56 13.45 17.94
N GLY A 179 7.27 14.32 18.65
CA GLY A 179 8.72 14.32 18.64
C GLY A 179 9.29 14.70 19.99
N PRO A 180 10.61 14.93 20.06
CA PRO A 180 11.30 15.19 21.32
C PRO A 180 10.68 16.36 22.08
N ASP A 181 10.15 17.35 21.36
CA ASP A 181 9.48 18.45 22.03
C ASP A 181 8.08 18.08 22.48
N THR A 182 7.24 17.70 21.51
CA THR A 182 5.83 17.51 21.78
C THR A 182 5.51 16.29 22.66
N VAL A 183 6.45 15.35 22.76
CA VAL A 183 6.22 14.18 23.58
C VAL A 183 5.93 14.57 25.04
N HIS A 184 6.54 15.66 25.51
CA HIS A 184 6.28 16.13 26.88
C HIS A 184 4.79 16.34 27.14
N LYS A 185 4.13 17.01 26.19
CA LYS A 185 2.70 17.29 26.30
C LYS A 185 1.90 15.99 26.34
N CYS A 186 2.28 15.04 25.49
CA CYS A 186 1.59 13.75 25.45
C CYS A 186 1.74 13.01 26.77
N ALA A 187 2.96 12.98 27.29
CA ALA A 187 3.25 12.21 28.48
C ALA A 187 2.58 12.84 29.71
N GLU A 188 2.60 14.16 29.79
N GLU A 188 2.60 14.16 29.79
CA GLU A 188 1.98 14.85 30.91
CA GLU A 188 1.98 14.85 30.91
C GLU A 188 0.45 14.68 30.87
C GLU A 188 0.45 14.72 30.87
N ALA A 189 -0.08 14.51 29.67
CA ALA A 189 -1.52 14.33 29.50
C ALA A 189 -1.96 12.91 29.89
N GLY A 190 -1.04 11.95 29.86
CA GLY A 190 -1.31 10.60 30.29
C GLY A 190 -1.04 9.49 29.27
N ALA A 191 -0.55 9.84 28.09
CA ALA A 191 -0.28 8.83 27.06
C ALA A 191 0.90 7.93 27.46
N ASN A 192 0.80 6.64 27.19
CA ASN A 192 1.92 5.74 27.47
C ASN A 192 2.45 4.99 26.23
N MET A 193 1.78 5.15 25.10
CA MET A 193 2.29 4.59 23.85
CA MET A 193 2.23 4.59 23.83
C MET A 193 2.46 5.72 22.84
N ILE A 194 3.71 5.88 22.40
CA ILE A 194 4.08 7.00 21.55
C ILE A 194 4.43 6.51 20.15
N VAL A 195 3.63 6.93 19.17
CA VAL A 195 4.01 6.71 17.78
C VAL A 195 4.74 7.95 17.27
N SER A 196 5.88 7.73 16.64
CA SER A 196 6.66 8.83 16.09
C SER A 196 7.19 8.43 14.71
N GLY A 197 6.85 9.22 13.69
CA GLY A 197 7.32 8.94 12.35
C GLY A 197 8.50 9.80 11.95
N SER A 198 8.20 10.99 11.46
CA SER A 198 9.25 11.81 10.85
C SER A 198 10.36 12.16 11.83
N ALA A 199 10.03 12.33 13.11
CA ALA A 199 11.02 12.68 14.12
C ALA A 199 12.09 11.60 14.28
N ILE A 200 11.68 10.34 14.19
CA ILE A 200 12.63 9.23 14.29
C ILE A 200 13.20 8.90 12.93
N MET A 201 12.34 8.91 11.92
N MET A 201 12.34 8.96 11.92
CA MET A 201 12.72 8.39 10.61
CA MET A 201 12.68 8.54 10.57
C MET A 201 13.68 9.31 9.84
C MET A 201 13.92 9.23 10.02
N ARG A 202 13.65 10.61 10.13
N ARG A 202 13.85 10.55 9.84
CA ARG A 202 14.56 11.54 9.48
CA ARG A 202 14.92 11.28 9.20
C ARG A 202 15.66 12.01 10.44
C ARG A 202 16.05 11.67 10.15
N SER A 203 16.03 11.12 11.36
CA SER A 203 17.12 11.35 12.31
C SER A 203 18.29 10.42 12.00
N GLU A 204 19.51 10.91 12.16
N GLU A 204 19.51 10.92 12.17
CA GLU A 204 20.69 10.09 11.89
CA GLU A 204 20.71 10.13 11.91
C GLU A 204 21.01 9.20 13.08
C GLU A 204 21.06 9.24 13.10
N ASP A 205 20.31 9.40 14.19
CA ASP A 205 20.54 8.63 15.40
C ASP A 205 19.22 8.18 16.04
N PRO A 206 18.48 7.29 15.35
CA PRO A 206 17.16 6.89 15.84
C PRO A 206 17.20 6.31 17.25
N ARG A 207 18.26 5.58 17.61
CA ARG A 207 18.34 5.03 18.96
CA ARG A 207 18.39 5.02 18.96
C ARG A 207 18.21 6.09 20.05
N SER A 208 18.88 7.22 19.88
CA SER A 208 18.83 8.30 20.87
C SER A 208 17.49 9.04 20.90
N VAL A 209 16.85 9.19 19.73
CA VAL A 209 15.52 9.78 19.68
C VAL A 209 14.55 8.90 20.44
N ILE A 210 14.54 7.62 20.11
CA ILE A 210 13.69 6.64 20.80
C ILE A 210 13.95 6.66 22.32
N ASN A 211 15.21 6.57 22.71
CA ASN A 211 15.57 6.65 24.13
C ASN A 211 14.99 7.90 24.82
N LEU A 212 15.09 9.04 24.14
CA LEU A 212 14.60 10.31 24.67
C LEU A 212 13.08 10.34 24.81
N LEU A 213 12.38 9.82 23.80
CA LEU A 213 10.91 9.76 23.84
C LEU A 213 10.45 8.87 25.00
N ARG A 214 11.07 7.71 25.14
CA ARG A 214 10.69 6.78 26.21
C ARG A 214 10.97 7.36 27.61
N ASN A 215 12.08 8.08 27.76
CA ASN A 215 12.44 8.64 29.05
CA ASN A 215 12.44 8.65 29.05
C ASN A 215 11.48 9.74 29.50
N VAL A 216 11.18 10.65 28.59
CA VAL A 216 10.23 11.72 28.88
C VAL A 216 8.91 11.08 29.31
N CYS A 217 8.51 10.03 28.60
CA CYS A 217 7.27 9.33 28.89
CA CYS A 217 7.26 9.34 28.90
CA CYS A 217 7.28 9.32 28.89
C CYS A 217 7.31 8.66 30.27
N SER A 218 8.33 7.86 30.51
CA SER A 218 8.46 7.16 31.78
C SER A 218 8.42 8.10 32.98
N GLU A 219 9.10 9.24 32.87
N GLU A 219 9.10 9.24 32.88
CA GLU A 219 9.14 10.21 33.96
CA GLU A 219 9.13 10.18 34.00
C GLU A 219 7.76 10.73 34.31
C GLU A 219 7.74 10.70 34.33
N ALA A 220 6.88 10.78 33.32
CA ALA A 220 5.50 11.20 33.52
C ALA A 220 4.69 10.09 34.18
N ALA A 221 4.89 8.86 33.70
CA ALA A 221 4.24 7.70 34.27
C ALA A 221 4.55 7.52 35.75
N GLN A 222 5.76 7.90 36.14
CA GLN A 222 6.18 7.81 37.52
C GLN A 222 5.24 8.57 38.45
N CYS B 5 7.90 -6.31 -29.15
CA CYS B 5 7.29 -6.93 -27.97
CA CYS B 5 7.28 -6.88 -27.96
C CYS B 5 8.05 -6.54 -26.71
N LYS B 6 7.32 -6.19 -25.65
CA LYS B 6 7.96 -5.78 -24.42
C LYS B 6 7.47 -6.61 -23.24
N ILE B 7 8.39 -6.92 -22.33
CA ILE B 7 8.08 -7.75 -21.17
C ILE B 7 8.16 -6.88 -19.94
N GLY B 8 7.06 -6.83 -19.19
CA GLY B 8 6.98 -6.05 -17.97
C GLY B 8 6.60 -6.92 -16.80
N PRO B 9 7.58 -7.28 -15.97
CA PRO B 9 7.31 -8.11 -14.81
C PRO B 9 6.33 -7.46 -13.83
N SER B 10 5.48 -8.27 -13.21
N SER B 10 5.48 -8.25 -13.20
CA SER B 10 4.62 -7.85 -12.11
CA SER B 10 4.64 -7.77 -12.11
C SER B 10 5.23 -8.26 -10.79
C SER B 10 5.19 -8.26 -10.79
N ILE B 11 5.19 -7.37 -9.79
CA ILE B 11 5.80 -7.66 -8.51
C ILE B 11 4.83 -8.08 -7.41
N LEU B 12 3.58 -8.37 -7.82
CA LEU B 12 2.52 -8.75 -6.89
C LEU B 12 2.94 -9.82 -5.90
N ASN B 13 3.58 -10.88 -6.38
CA ASN B 13 3.93 -11.99 -5.48
C ASN B 13 5.40 -12.03 -5.04
N SER B 14 6.10 -10.93 -5.27
CA SER B 14 7.49 -10.80 -4.84
C SER B 14 7.57 -10.54 -3.34
N ASP B 15 8.77 -10.34 -2.84
CA ASP B 15 8.96 -9.97 -1.44
C ASP B 15 8.64 -8.47 -1.34
N LEU B 16 7.41 -8.18 -0.93
CA LEU B 16 6.92 -6.80 -0.91
C LEU B 16 7.62 -5.94 0.16
N ALA B 17 8.37 -6.58 1.05
CA ALA B 17 9.16 -5.83 2.03
C ALA B 17 10.50 -5.40 1.40
N ASN B 18 10.72 -5.85 0.16
CA ASN B 18 11.94 -5.54 -0.56
C ASN B 18 11.63 -5.25 -2.02
N LEU B 19 10.67 -4.36 -2.24
CA LEU B 19 10.25 -4.01 -3.60
C LEU B 19 11.40 -3.46 -4.42
N GLY B 20 12.21 -2.62 -3.78
CA GLY B 20 13.39 -2.09 -4.45
C GLY B 20 14.29 -3.18 -5.00
N ALA B 21 14.68 -4.12 -4.14
CA ALA B 21 15.61 -5.14 -4.57
C ALA B 21 14.99 -6.02 -5.64
N GLU B 22 13.70 -6.33 -5.49
CA GLU B 22 12.98 -7.14 -6.45
C GLU B 22 12.93 -6.46 -7.81
N CYS B 23 12.56 -5.19 -7.82
CA CYS B 23 12.46 -4.46 -9.08
C CYS B 23 13.84 -4.27 -9.74
N LEU B 24 14.85 -4.01 -8.91
N LEU B 24 14.85 -4.03 -8.91
CA LEU B 24 16.22 -3.83 -9.41
CA LEU B 24 16.20 -3.84 -9.40
C LEU B 24 16.70 -5.09 -10.14
C LEU B 24 16.70 -5.08 -10.13
N ARG B 25 16.42 -6.25 -9.56
CA ARG B 25 16.79 -7.51 -10.20
C ARG B 25 16.06 -7.64 -11.53
N MET B 26 14.80 -7.21 -11.58
CA MET B 26 14.05 -7.26 -12.82
C MET B 26 14.68 -6.36 -13.90
N LEU B 27 15.03 -5.14 -13.52
CA LEU B 27 15.68 -4.22 -14.46
C LEU B 27 17.06 -4.69 -14.89
N ASP B 28 17.84 -5.16 -13.92
CA ASP B 28 19.17 -5.67 -14.23
C ASP B 28 19.07 -6.90 -15.14
N SER B 29 17.90 -7.54 -15.15
CA SER B 29 17.72 -8.74 -15.97
C SER B 29 17.15 -8.42 -17.34
N GLY B 30 17.03 -7.14 -17.65
CA GLY B 30 16.60 -6.71 -18.96
C GLY B 30 15.10 -6.57 -19.15
N ALA B 31 14.34 -6.41 -18.06
CA ALA B 31 12.89 -6.17 -18.21
C ALA B 31 12.71 -4.90 -19.02
N ASP B 32 11.76 -4.91 -19.95
CA ASP B 32 11.49 -3.71 -20.74
C ASP B 32 10.81 -2.62 -19.91
N TYR B 33 9.93 -3.04 -18.99
CA TYR B 33 9.27 -2.11 -18.08
C TYR B 33 8.86 -2.83 -16.81
N LEU B 34 8.31 -2.08 -15.86
CA LEU B 34 7.76 -2.66 -14.64
C LEU B 34 6.26 -2.40 -14.60
N HIS B 35 5.49 -3.44 -14.31
CA HIS B 35 4.05 -3.37 -14.24
C HIS B 35 3.71 -3.38 -12.76
N LEU B 36 3.25 -2.24 -12.25
CA LEU B 36 3.03 -2.03 -10.81
C LEU B 36 1.54 -2.05 -10.47
N ASP B 37 1.13 -3.08 -9.74
CA ASP B 37 -0.29 -3.29 -9.42
C ASP B 37 -0.73 -2.50 -8.19
N VAL B 38 -1.62 -1.55 -8.39
CA VAL B 38 -2.11 -0.71 -7.31
C VAL B 38 -3.55 -1.09 -7.02
N MET B 39 -3.81 -1.56 -5.79
CA MET B 39 -5.13 -2.05 -5.42
C MET B 39 -5.60 -1.35 -4.15
N ASP B 40 -6.82 -0.79 -4.18
CA ASP B 40 -7.28 0.02 -3.06
C ASP B 40 -8.22 -0.70 -2.09
N GLY B 41 -8.38 -2.01 -2.26
CA GLY B 41 -9.21 -2.79 -1.35
C GLY B 41 -10.69 -2.58 -1.58
N HIS B 42 -11.03 -1.75 -2.57
CA HIS B 42 -12.43 -1.46 -2.87
C HIS B 42 -12.80 -1.96 -4.27
N PHE B 43 -12.09 -1.52 -5.29
CA PHE B 43 -12.33 -2.02 -6.65
C PHE B 43 -12.03 -3.52 -6.74
N VAL B 44 -11.03 -3.96 -5.99
CA VAL B 44 -10.70 -5.37 -5.82
C VAL B 44 -10.52 -5.67 -4.34
N PRO B 45 -10.72 -6.93 -3.95
CA PRO B 45 -10.66 -7.31 -2.53
C PRO B 45 -9.23 -7.54 -2.02
N ASN B 46 -8.34 -6.60 -2.33
CA ASN B 46 -6.96 -6.70 -1.85
C ASN B 46 -6.37 -5.30 -1.84
N ILE B 47 -5.34 -5.08 -1.03
CA ILE B 47 -4.63 -3.81 -0.99
C ILE B 47 -3.14 -4.04 -1.26
N THR B 48 -2.54 -3.32 -2.21
CA THR B 48 -1.12 -3.51 -2.46
C THR B 48 -0.33 -2.32 -1.96
N PHE B 49 -0.31 -1.26 -2.76
CA PHE B 49 0.38 -0.03 -2.39
C PHE B 49 -0.09 1.04 -3.35
N GLY B 50 0.25 2.29 -3.06
CA GLY B 50 -0.16 3.41 -3.90
C GLY B 50 1.02 4.29 -4.23
N HIS B 51 0.75 5.55 -4.54
CA HIS B 51 1.81 6.44 -5.01
C HIS B 51 3.00 6.65 -4.06
N PRO B 52 2.79 6.56 -2.74
CA PRO B 52 3.98 6.73 -1.88
C PRO B 52 5.05 5.64 -2.11
N VAL B 53 4.62 4.40 -2.31
CA VAL B 53 5.56 3.36 -2.67
C VAL B 53 6.18 3.65 -4.04
N VAL B 54 5.36 4.10 -4.98
CA VAL B 54 5.87 4.45 -6.30
C VAL B 54 6.95 5.52 -6.21
N GLU B 55 6.74 6.53 -5.36
CA GLU B 55 7.73 7.58 -5.20
CA GLU B 55 7.73 7.59 -5.15
C GLU B 55 9.07 7.02 -4.71
N SER B 56 9.04 6.14 -3.70
CA SER B 56 10.28 5.52 -3.21
C SER B 56 10.92 4.60 -4.26
N LEU B 57 10.09 3.90 -5.02
CA LEU B 57 10.61 3.06 -6.10
C LEU B 57 11.30 3.88 -7.18
N ARG B 58 10.69 4.99 -7.55
CA ARG B 58 11.29 5.86 -8.57
C ARG B 58 12.65 6.39 -8.10
N LYS B 59 12.75 6.70 -6.81
N LYS B 59 12.75 6.72 -6.82
CA LYS B 59 14.00 7.20 -6.23
CA LYS B 59 14.03 7.20 -6.27
C LYS B 59 15.09 6.13 -6.19
C LYS B 59 15.08 6.10 -6.29
N GLN B 60 14.66 4.88 -5.95
CA GLN B 60 15.58 3.75 -5.90
C GLN B 60 16.04 3.29 -7.29
N LEU B 61 15.14 3.35 -8.27
CA LEU B 61 15.41 2.72 -9.55
C LEU B 61 15.95 3.70 -10.61
N GLY B 62 15.89 5.00 -10.32
CA GLY B 62 16.38 6.00 -11.25
C GLY B 62 15.29 6.50 -12.18
N GLN B 63 15.68 7.48 -12.99
N GLN B 63 15.61 7.51 -13.00
CA GLN B 63 14.77 8.19 -13.89
CA GLN B 63 14.61 8.12 -13.88
C GLN B 63 14.40 7.37 -15.14
C GLN B 63 14.33 7.31 -15.15
N ASP B 64 15.22 6.39 -15.47
CA ASP B 64 15.11 5.71 -16.77
CA ASP B 64 15.18 5.67 -16.75
C ASP B 64 14.03 4.64 -16.89
N PRO B 65 13.87 3.76 -15.88
CA PRO B 65 12.87 2.70 -16.01
C PRO B 65 11.43 3.20 -16.21
N PHE B 66 10.68 2.47 -17.04
CA PHE B 66 9.28 2.77 -17.36
C PHE B 66 8.34 2.07 -16.38
N PHE B 67 7.47 2.84 -15.73
CA PHE B 67 6.48 2.26 -14.81
C PHE B 67 5.11 2.26 -15.48
N ASP B 68 4.51 1.08 -15.63
CA ASP B 68 3.12 0.95 -16.05
C ASP B 68 2.25 0.73 -14.81
N MET B 69 1.44 1.71 -14.45
CA MET B 69 0.62 1.61 -13.23
C MET B 69 -0.73 0.98 -13.54
N HIS B 70 -0.93 -0.25 -13.05
CA HIS B 70 -2.21 -0.90 -13.21
C HIS B 70 -3.11 -0.50 -12.04
N MET B 71 -4.00 0.46 -12.29
CA MET B 71 -4.74 1.09 -11.22
C MET B 71 -6.06 0.37 -11.00
N MET B 72 -6.02 -0.63 -10.13
CA MET B 72 -7.23 -1.35 -9.75
C MET B 72 -7.80 -0.63 -8.54
N VAL B 73 -8.36 0.56 -8.79
CA VAL B 73 -8.87 1.41 -7.73
C VAL B 73 -10.25 1.91 -8.16
N SER B 74 -11.09 2.23 -7.20
CA SER B 74 -12.48 2.64 -7.48
CA SER B 74 -12.46 2.62 -7.56
C SER B 74 -12.58 4.06 -8.02
N LYS B 75 -11.62 4.90 -7.68
CA LYS B 75 -11.69 6.30 -8.12
C LYS B 75 -10.39 6.68 -8.80
N PRO B 76 -10.20 6.20 -10.05
CA PRO B 76 -8.92 6.46 -10.75
C PRO B 76 -8.66 7.94 -10.97
N GLU B 77 -9.72 8.75 -11.01
CA GLU B 77 -9.57 10.20 -11.15
C GLU B 77 -8.71 10.78 -10.01
N GLN B 78 -8.78 10.15 -8.84
CA GLN B 78 -8.15 10.69 -7.64
C GLN B 78 -6.61 10.64 -7.65
N TRP B 79 -6.04 9.61 -8.27
CA TRP B 79 -4.61 9.33 -8.13
C TRP B 79 -3.76 9.75 -9.33
N VAL B 80 -4.35 10.45 -10.30
CA VAL B 80 -3.59 10.85 -11.49
C VAL B 80 -2.41 11.75 -11.16
N LYS B 81 -2.65 12.88 -10.52
CA LYS B 81 -1.56 13.79 -10.14
CA LYS B 81 -1.51 13.75 -10.21
C LYS B 81 -0.55 13.11 -9.20
N PRO B 82 -1.07 12.47 -8.13
CA PRO B 82 -0.14 11.82 -7.20
C PRO B 82 0.80 10.82 -7.89
N MET B 83 0.27 10.00 -8.79
CA MET B 83 1.14 9.07 -9.54
C MET B 83 2.10 9.79 -10.50
N ALA B 84 1.63 10.88 -11.12
CA ALA B 84 2.48 11.66 -12.02
C ALA B 84 3.66 12.26 -11.24
N VAL B 85 3.36 12.90 -10.12
CA VAL B 85 4.38 13.49 -9.26
C VAL B 85 5.32 12.39 -8.75
N ALA B 86 4.77 11.21 -8.46
CA ALA B 86 5.59 10.08 -7.99
C ALA B 86 6.57 9.60 -9.08
N GLY B 87 6.27 9.88 -10.34
CA GLY B 87 7.15 9.51 -11.44
C GLY B 87 6.69 8.33 -12.31
N ALA B 88 5.39 8.02 -12.26
CA ALA B 88 4.81 6.98 -13.11
C ALA B 88 4.85 7.39 -14.59
N ASN B 89 5.07 6.44 -15.51
CA ASN B 89 5.08 6.79 -16.93
C ASN B 89 3.73 6.59 -17.60
N GLN B 90 3.01 5.56 -17.17
CA GLN B 90 1.76 5.20 -17.80
C GLN B 90 0.72 4.90 -16.75
N TYR B 91 -0.47 5.42 -16.93
CA TYR B 91 -1.51 5.29 -15.94
C TYR B 91 -2.60 4.48 -16.59
N THR B 92 -2.75 3.23 -16.16
CA THR B 92 -3.69 2.33 -16.79
C THR B 92 -4.85 2.14 -15.84
N PHE B 93 -6.00 2.73 -16.18
CA PHE B 93 -7.17 2.66 -15.33
C PHE B 93 -8.19 1.66 -15.85
N HIS B 94 -9.12 1.27 -14.99
CA HIS B 94 -10.15 0.34 -15.38
C HIS B 94 -11.39 1.05 -15.91
N LEU B 95 -11.83 0.63 -17.09
CA LEU B 95 -13.00 1.21 -17.72
C LEU B 95 -14.21 1.05 -16.83
N GLU B 96 -14.25 -0.04 -16.08
CA GLU B 96 -15.36 -0.28 -15.16
C GLU B 96 -15.40 0.71 -13.99
N ALA B 97 -14.28 1.38 -13.73
CA ALA B 97 -14.15 2.19 -12.50
C ALA B 97 -14.38 3.68 -12.69
N THR B 98 -14.32 4.14 -13.93
CA THR B 98 -14.31 5.58 -14.14
C THR B 98 -15.72 6.10 -14.34
N GLU B 99 -15.93 7.34 -13.92
CA GLU B 99 -17.20 8.02 -14.13
C GLU B 99 -17.26 8.66 -15.50
N ASN B 100 -16.11 8.83 -16.14
CA ASN B 100 -16.02 9.61 -17.38
C ASN B 100 -14.67 9.35 -18.05
N PRO B 101 -14.59 8.32 -18.90
CA PRO B 101 -13.32 7.89 -19.49
C PRO B 101 -12.64 9.02 -20.27
N GLY B 102 -13.40 9.77 -21.04
CA GLY B 102 -12.87 10.87 -21.82
C GLY B 102 -12.18 11.93 -21.00
N ALA B 103 -12.82 12.39 -19.92
CA ALA B 103 -12.24 13.39 -19.02
C ALA B 103 -10.95 12.86 -18.36
N LEU B 104 -10.98 11.61 -17.95
CA LEU B 104 -9.84 11.00 -17.27
C LEU B 104 -8.64 10.83 -18.23
N ILE B 105 -8.91 10.33 -19.43
CA ILE B 105 -7.88 10.24 -20.47
C ILE B 105 -7.18 11.59 -20.69
N LYS B 106 -7.97 12.65 -20.84
CA LYS B 106 -7.40 13.99 -20.97
C LYS B 106 -6.55 14.37 -19.76
N ASP B 107 -7.04 14.11 -18.56
CA ASP B 107 -6.31 14.49 -17.34
C ASP B 107 -4.97 13.76 -17.26
N ILE B 108 -4.96 12.50 -17.69
CA ILE B 108 -3.73 11.70 -17.63
C ILE B 108 -2.67 12.33 -18.54
N ARG B 109 -3.08 12.68 -19.76
CA ARG B 109 -2.19 13.36 -20.69
C ARG B 109 -1.77 14.74 -20.21
N GLU B 110 -2.69 15.50 -19.60
CA GLU B 110 -2.33 16.79 -19.04
CA GLU B 110 -2.30 16.80 -19.08
C GLU B 110 -1.23 16.60 -18.01
N ASN B 111 -1.21 15.44 -17.38
CA ASN B 111 -0.19 15.15 -16.37
C ASN B 111 1.05 14.48 -16.91
N GLY B 112 1.15 14.41 -18.23
CA GLY B 112 2.39 13.94 -18.87
C GLY B 112 2.58 12.44 -18.95
N MET B 113 1.53 11.68 -18.64
CA MET B 113 1.64 10.23 -18.64
C MET B 113 0.97 9.59 -19.85
N LYS B 114 1.42 8.39 -20.22
CA LYS B 114 0.74 7.64 -21.25
CA LYS B 114 0.76 7.60 -21.24
C LYS B 114 -0.54 7.07 -20.66
N VAL B 115 -1.48 6.72 -21.53
CA VAL B 115 -2.81 6.29 -21.12
C VAL B 115 -3.06 4.81 -21.40
N GLY B 116 -3.34 4.04 -20.36
CA GLY B 116 -3.74 2.65 -20.50
C GLY B 116 -5.19 2.50 -20.09
N LEU B 117 -5.89 1.56 -20.69
CA LEU B 117 -7.30 1.32 -20.35
C LEU B 117 -7.48 -0.18 -20.23
N ALA B 118 -7.96 -0.63 -19.07
CA ALA B 118 -8.04 -2.04 -18.76
C ALA B 118 -9.49 -2.52 -18.70
N ILE B 119 -9.71 -3.79 -19.06
CA ILE B 119 -11.02 -4.39 -18.89
C ILE B 119 -10.90 -5.75 -18.24
N LYS B 120 -11.81 -6.02 -17.33
CA LYS B 120 -11.85 -7.30 -16.63
C LYS B 120 -12.43 -8.37 -17.55
N PRO B 121 -12.23 -9.64 -17.16
CA PRO B 121 -12.62 -10.75 -18.05
C PRO B 121 -14.10 -10.69 -18.43
N GLY B 122 -14.98 -10.32 -17.50
CA GLY B 122 -16.41 -10.30 -17.79
C GLY B 122 -16.85 -9.09 -18.61
N THR B 123 -15.92 -8.19 -18.91
CA THR B 123 -16.26 -6.94 -19.63
C THR B 123 -16.05 -7.08 -21.13
N SER B 124 -17.09 -6.85 -21.90
CA SER B 124 -17.00 -7.07 -23.34
C SER B 124 -15.96 -6.13 -23.98
N VAL B 125 -15.19 -6.66 -24.92
CA VAL B 125 -14.12 -5.90 -25.52
C VAL B 125 -14.68 -4.68 -26.28
N GLU B 126 -15.92 -4.77 -26.74
CA GLU B 126 -16.55 -3.65 -27.46
C GLU B 126 -16.71 -2.37 -26.63
N TYR B 127 -16.69 -2.49 -25.31
CA TYR B 127 -16.64 -1.33 -24.43
C TYR B 127 -15.45 -0.42 -24.72
N LEU B 128 -14.36 -1.01 -25.24
CA LEU B 128 -13.14 -0.25 -25.57
C LEU B 128 -13.21 0.54 -26.87
N ALA B 129 -14.09 0.12 -27.79
CA ALA B 129 -14.15 0.70 -29.13
C ALA B 129 -14.18 2.22 -29.17
N PRO B 130 -15.04 2.83 -28.35
CA PRO B 130 -15.18 4.29 -28.43
C PRO B 130 -13.90 4.99 -28.02
N TRP B 131 -13.00 4.28 -27.34
CA TRP B 131 -11.84 4.92 -26.72
C TRP B 131 -10.52 4.50 -27.35
N ALA B 132 -10.52 3.43 -28.13
CA ALA B 132 -9.27 2.82 -28.60
C ALA B 132 -8.34 3.82 -29.31
N ASN B 133 -8.92 4.79 -30.01
CA ASN B 133 -8.12 5.77 -30.76
C ASN B 133 -7.56 6.88 -29.89
N GLN B 134 -7.99 6.94 -28.63
N GLN B 134 -7.99 6.92 -28.63
CA GLN B 134 -7.58 8.00 -27.73
CA GLN B 134 -7.58 8.00 -27.73
C GLN B 134 -6.53 7.52 -26.72
C GLN B 134 -6.66 7.50 -26.62
N ILE B 135 -6.33 6.22 -26.67
CA ILE B 135 -5.48 5.62 -25.64
C ILE B 135 -4.17 5.09 -26.22
N ASP B 136 -3.14 4.94 -25.39
CA ASP B 136 -1.88 4.36 -25.84
C ASP B 136 -1.86 2.84 -25.77
N MET B 137 -2.61 2.28 -24.83
CA MET B 137 -2.55 0.85 -24.58
C MET B 137 -3.83 0.30 -23.99
N ALA B 138 -4.25 -0.85 -24.47
CA ALA B 138 -5.38 -1.55 -23.90
C ALA B 138 -4.84 -2.71 -23.11
N LEU B 139 -5.38 -2.90 -21.89
CA LEU B 139 -5.00 -4.06 -21.07
CA LEU B 139 -5.00 -4.04 -21.05
C LEU B 139 -6.17 -5.02 -21.01
N VAL B 140 -5.97 -6.19 -21.60
CA VAL B 140 -6.95 -7.27 -21.55
C VAL B 140 -6.55 -8.17 -20.39
N MET B 141 -7.31 -8.13 -19.30
CA MET B 141 -6.99 -9.01 -18.19
CA MET B 141 -7.05 -9.01 -18.16
C MET B 141 -7.29 -10.45 -18.58
N THR B 142 -6.40 -11.35 -18.18
CA THR B 142 -6.58 -12.77 -18.48
C THR B 142 -6.80 -13.56 -17.20
N VAL B 143 -7.02 -12.84 -16.10
CA VAL B 143 -7.56 -13.38 -14.86
C VAL B 143 -8.48 -12.33 -14.24
N GLU B 144 -9.33 -12.74 -13.31
CA GLU B 144 -10.11 -11.79 -12.54
C GLU B 144 -9.14 -11.06 -11.61
N PRO B 145 -9.11 -9.72 -11.65
CA PRO B 145 -8.09 -8.95 -10.91
C PRO B 145 -8.22 -9.02 -9.38
N GLY B 146 -7.07 -8.88 -8.71
CA GLY B 146 -7.03 -8.86 -7.25
C GLY B 146 -5.85 -9.63 -6.71
N PHE B 147 -5.46 -10.70 -7.41
CA PHE B 147 -4.44 -11.61 -6.90
C PHE B 147 -3.54 -12.19 -8.00
N GLY B 148 -2.31 -12.53 -7.63
CA GLY B 148 -1.39 -13.17 -8.55
C GLY B 148 -1.54 -14.68 -8.54
N GLY B 149 -0.92 -15.34 -9.52
CA GLY B 149 -0.86 -16.81 -9.54
C GLY B 149 -2.17 -17.52 -9.94
N GLN B 150 -3.14 -16.77 -10.46
CA GLN B 150 -4.38 -17.41 -10.90
C GLN B 150 -4.21 -18.04 -12.28
N LYS B 151 -5.20 -18.79 -12.75
CA LYS B 151 -5.08 -19.51 -14.01
C LYS B 151 -5.48 -18.67 -15.24
N PHE B 152 -4.59 -18.67 -16.22
CA PHE B 152 -4.79 -17.98 -17.49
C PHE B 152 -6.11 -18.33 -18.17
N MET B 153 -6.85 -17.30 -18.60
CA MET B 153 -8.12 -17.51 -19.27
C MET B 153 -7.96 -17.40 -20.79
N GLU B 154 -7.74 -18.54 -21.43
CA GLU B 154 -7.57 -18.57 -22.88
CA GLU B 154 -7.58 -18.60 -22.88
C GLU B 154 -8.78 -18.00 -23.60
N ASP B 155 -9.95 -18.07 -22.98
CA ASP B 155 -11.15 -17.52 -23.60
C ASP B 155 -11.11 -15.99 -23.77
N MET B 156 -10.08 -15.34 -23.24
CA MET B 156 -9.93 -13.90 -23.44
C MET B 156 -9.26 -13.56 -24.77
N MET B 157 -8.66 -14.56 -25.42
CA MET B 157 -7.83 -14.30 -26.60
C MET B 157 -8.60 -13.64 -27.76
N PRO B 158 -9.87 -13.99 -27.96
CA PRO B 158 -10.64 -13.32 -29.01
C PRO B 158 -10.74 -11.81 -28.75
N LYS B 159 -10.67 -11.37 -27.50
CA LYS B 159 -10.65 -9.94 -27.24
C LYS B 159 -9.36 -9.34 -27.78
N VAL B 160 -8.25 -10.00 -27.50
CA VAL B 160 -6.97 -9.50 -27.96
C VAL B 160 -6.95 -9.44 -29.48
N HIS B 161 -7.38 -10.53 -30.11
CA HIS B 161 -7.39 -10.59 -31.57
C HIS B 161 -8.27 -9.50 -32.20
N TRP B 162 -9.44 -9.29 -31.61
CA TRP B 162 -10.36 -8.29 -32.12
C TRP B 162 -9.72 -6.90 -32.04
N LEU B 163 -9.11 -6.56 -30.90
CA LEU B 163 -8.42 -5.29 -30.74
C LEU B 163 -7.31 -5.09 -31.78
N ARG B 164 -6.46 -6.12 -31.92
CA ARG B 164 -5.34 -6.02 -32.84
C ARG B 164 -5.82 -5.85 -34.29
N THR B 165 -6.89 -6.58 -34.64
CA THR B 165 -7.47 -6.48 -35.97
C THR B 165 -8.10 -5.10 -36.24
N GLN B 166 -8.87 -4.60 -35.27
CA GLN B 166 -9.58 -3.34 -35.43
C GLN B 166 -8.70 -2.11 -35.23
N PHE B 167 -7.67 -2.22 -34.39
CA PHE B 167 -6.81 -1.08 -34.07
C PHE B 167 -5.34 -1.44 -34.17
N PRO B 168 -4.85 -1.57 -35.41
CA PRO B 168 -3.46 -2.01 -35.63
C PRO B 168 -2.40 -1.20 -34.86
N SER B 169 -2.69 0.05 -34.53
CA SER B 169 -1.67 0.90 -33.90
C SER B 169 -1.65 0.75 -32.37
N LEU B 170 -2.66 0.08 -31.84
CA LEU B 170 -2.83 0.00 -30.40
C LEU B 170 -1.86 -0.99 -29.74
N ASP B 171 -1.13 -0.54 -28.73
CA ASP B 171 -0.38 -1.45 -27.88
C ASP B 171 -1.38 -2.26 -27.08
N ILE B 172 -1.20 -3.58 -27.03
CA ILE B 172 -2.15 -4.41 -26.31
C ILE B 172 -1.40 -5.24 -25.29
N GLU B 173 -1.82 -5.11 -24.03
CA GLU B 173 -1.15 -5.79 -22.93
C GLU B 173 -2.07 -6.90 -22.42
N VAL B 174 -1.48 -8.05 -22.10
CA VAL B 174 -2.18 -9.11 -21.41
C VAL B 174 -1.63 -9.24 -20.00
N ASP B 175 -2.50 -9.63 -19.07
CA ASP B 175 -2.11 -9.62 -17.66
C ASP B 175 -2.93 -10.62 -16.88
N GLY B 176 -2.25 -11.62 -16.32
CA GLY B 176 -2.89 -12.62 -15.49
C GLY B 176 -2.55 -14.03 -15.93
N GLY B 177 -1.68 -14.69 -15.16
CA GLY B 177 -1.29 -16.06 -15.47
C GLY B 177 -0.55 -16.17 -16.79
N VAL B 178 0.11 -15.10 -17.22
CA VAL B 178 0.94 -15.20 -18.42
C VAL B 178 2.35 -15.63 -18.06
N GLY B 179 2.81 -16.66 -18.75
CA GLY B 179 4.16 -17.20 -18.57
C GLY B 179 4.60 -17.90 -19.85
N PRO B 180 5.73 -18.63 -19.81
CA PRO B 180 6.20 -19.34 -21.00
C PRO B 180 5.19 -20.36 -21.47
N ASP B 181 4.34 -20.88 -20.58
CA ASP B 181 3.29 -21.81 -20.98
C ASP B 181 2.18 -21.19 -21.82
N THR B 182 1.91 -19.90 -21.63
CA THR B 182 0.76 -19.26 -22.28
C THR B 182 1.09 -18.03 -23.13
N VAL B 183 2.33 -17.57 -23.08
CA VAL B 183 2.71 -16.36 -23.81
C VAL B 183 2.44 -16.51 -25.34
N HIS B 184 2.70 -17.68 -25.90
CA HIS B 184 2.48 -17.85 -27.34
C HIS B 184 1.04 -17.57 -27.73
N LYS B 185 0.09 -18.04 -26.92
CA LYS B 185 -1.32 -17.80 -27.23
C LYS B 185 -1.61 -16.30 -27.26
N CYS B 186 -0.96 -15.55 -26.37
CA CYS B 186 -1.20 -14.11 -26.30
C CYS B 186 -0.63 -13.41 -27.54
N ALA B 187 0.59 -13.77 -27.90
CA ALA B 187 1.29 -13.19 -29.03
C ALA B 187 0.62 -13.50 -30.36
N GLU B 188 0.13 -14.73 -30.50
N GLU B 188 0.14 -14.73 -30.50
CA GLU B 188 -0.51 -15.12 -31.75
CA GLU B 188 -0.52 -15.11 -31.74
C GLU B 188 -1.84 -14.39 -31.91
C GLU B 188 -1.80 -14.32 -31.91
N ALA B 189 -2.46 -14.01 -30.79
CA ALA B 189 -3.70 -13.25 -30.84
C ALA B 189 -3.46 -11.77 -31.10
N GLY B 190 -2.23 -11.31 -30.84
CA GLY B 190 -1.89 -9.93 -31.13
C GLY B 190 -1.33 -9.08 -30.00
N ALA B 191 -1.15 -9.65 -28.80
CA ALA B 191 -0.59 -8.87 -27.70
C ALA B 191 0.88 -8.58 -27.98
N ASN B 192 1.35 -7.38 -27.64
CA ASN B 192 2.77 -7.05 -27.78
C ASN B 192 3.39 -6.59 -26.46
N MET B 193 2.59 -6.47 -25.41
CA MET B 193 3.10 -6.16 -24.08
C MET B 193 2.65 -7.25 -23.12
N ILE B 194 3.63 -7.91 -22.53
CA ILE B 194 3.39 -9.12 -21.74
C ILE B 194 3.73 -8.88 -20.27
N VAL B 195 2.73 -9.00 -19.40
CA VAL B 195 2.99 -8.95 -17.97
C VAL B 195 3.13 -10.36 -17.43
N SER B 196 4.16 -10.60 -16.62
CA SER B 196 4.36 -11.91 -16.04
C SER B 196 4.88 -11.76 -14.62
N GLY B 197 4.35 -12.57 -13.70
CA GLY B 197 4.69 -12.47 -12.28
C GLY B 197 5.53 -13.63 -11.78
N SER B 198 4.87 -14.64 -11.21
CA SER B 198 5.53 -15.83 -10.68
C SER B 198 6.66 -16.36 -11.57
N ALA B 199 6.37 -16.58 -12.84
CA ALA B 199 7.31 -17.25 -13.75
C ALA B 199 8.66 -16.53 -13.85
N ILE B 200 8.66 -15.24 -13.60
CA ILE B 200 9.88 -14.46 -13.67
C ILE B 200 10.45 -14.32 -12.26
N MET B 201 9.56 -14.08 -11.30
CA MET B 201 9.94 -13.68 -9.95
C MET B 201 10.79 -14.70 -9.20
N ARG B 202 10.47 -15.98 -9.34
CA ARG B 202 11.18 -17.03 -8.63
C ARG B 202 12.54 -17.38 -9.26
N SER B 203 12.68 -17.10 -10.55
CA SER B 203 13.83 -17.60 -11.31
C SER B 203 15.17 -17.18 -10.72
N GLU B 204 16.16 -18.07 -10.88
CA GLU B 204 17.54 -17.74 -10.59
C GLU B 204 18.11 -16.91 -11.73
N ASP B 205 17.58 -17.13 -12.93
CA ASP B 205 18.09 -16.48 -14.14
C ASP B 205 16.95 -15.73 -14.82
N PRO B 206 16.42 -14.68 -14.16
CA PRO B 206 15.25 -14.00 -14.73
C PRO B 206 15.56 -13.51 -16.14
N ARG B 207 16.81 -13.20 -16.44
CA ARG B 207 17.18 -12.76 -17.79
C ARG B 207 16.76 -13.78 -18.85
N SER B 208 16.98 -15.05 -18.58
CA SER B 208 16.65 -16.10 -19.55
C SER B 208 15.15 -16.25 -19.77
N VAL B 209 14.37 -16.20 -18.69
CA VAL B 209 12.92 -16.26 -18.76
C VAL B 209 12.35 -15.05 -19.51
N ILE B 210 12.84 -13.87 -19.17
CA ILE B 210 12.41 -12.66 -19.84
C ILE B 210 12.72 -12.75 -21.34
N ASN B 211 13.95 -13.13 -21.67
CA ASN B 211 14.34 -13.32 -23.07
C ASN B 211 13.45 -14.32 -23.78
N LEU B 212 13.13 -15.41 -23.10
CA LEU B 212 12.25 -16.42 -23.67
C LEU B 212 10.86 -15.87 -23.98
N LEU B 213 10.25 -15.18 -23.03
CA LEU B 213 8.95 -14.58 -23.24
C LEU B 213 9.00 -13.60 -24.40
N ARG B 214 10.02 -12.75 -24.40
CA ARG B 214 10.16 -11.74 -25.43
C ARG B 214 10.33 -12.37 -26.83
N ASN B 215 11.19 -13.39 -26.91
N ASN B 215 11.18 -13.39 -26.95
CA ASN B 215 11.49 -14.06 -28.17
CA ASN B 215 11.41 -13.97 -28.27
C ASN B 215 10.30 -14.83 -28.73
C ASN B 215 10.26 -14.83 -28.77
N VAL B 216 9.58 -15.53 -27.85
CA VAL B 216 8.40 -16.27 -28.23
C VAL B 216 7.40 -15.26 -28.81
N CYS B 217 7.20 -14.17 -28.08
N CYS B 217 7.17 -14.18 -28.07
CA CYS B 217 6.25 -13.15 -28.46
CA CYS B 217 6.26 -13.12 -28.50
C CYS B 217 6.66 -12.47 -29.79
C CYS B 217 6.68 -12.58 -29.86
N SER B 218 7.94 -12.15 -29.94
CA SER B 218 8.44 -11.51 -31.15
CA SER B 218 8.45 -11.50 -31.15
C SER B 218 8.36 -12.42 -32.37
N GLU B 219 8.74 -13.69 -32.22
CA GLU B 219 8.71 -14.61 -33.35
C GLU B 219 7.27 -14.90 -33.77
N ALA B 220 6.37 -15.02 -32.79
CA ALA B 220 4.96 -15.18 -33.09
C ALA B 220 4.44 -13.95 -33.85
N ALA B 221 4.93 -12.78 -33.45
CA ALA B 221 4.54 -11.54 -34.11
C ALA B 221 4.94 -11.56 -35.59
N GLN B 222 6.18 -11.94 -35.86
CA GLN B 222 6.64 -12.07 -37.24
C GLN B 222 5.86 -13.15 -37.97
N LYS B 223 5.04 -13.88 -37.21
CA LYS B 223 4.24 -14.96 -37.77
CA LYS B 223 4.25 -14.98 -37.73
C LYS B 223 5.12 -16.11 -38.25
#